data_3KVP
#
_entry.id   3KVP
#
_cell.length_a   66.390
_cell.length_b   66.390
_cell.length_c   175.573
_cell.angle_alpha   90.00
_cell.angle_beta   90.00
_cell.angle_gamma   120.00
#
_symmetry.space_group_name_H-M   'P 32 2 1'
#
loop_
_entity.id
_entity.type
_entity.pdbx_description
1 polymer 'Uncharacterized protein ymzC'
2 non-polymer 'ACETIC ACID'
3 water water
#
_entity_poly.entity_id   1
_entity_poly.type   'polypeptide(L)'
_entity_poly.pdbx_seq_one_letter_code
;(MSE)GNQDTIIETDNGNSDYETPQPTSFPLEHNHFGV(MSE)EDGYIKIYEYNESRNEVKLKKEYADDELELEHHHHHH
;
_entity_poly.pdbx_strand_id   A,B,C,D,E,F
#
loop_
_chem_comp.id
_chem_comp.type
_chem_comp.name
_chem_comp.formula
ACY non-polymer 'ACETIC ACID' 'C2 H4 O2'
#
# COMPACT_ATOMS: atom_id res chain seq x y z
N PRO A 20 0.37 -18.38 0.56
CA PRO A 20 -0.35 -17.11 0.34
C PRO A 20 0.45 -15.92 0.87
N GLN A 21 0.57 -14.88 0.06
CA GLN A 21 1.39 -13.75 0.44
C GLN A 21 0.60 -12.66 1.15
N PRO A 22 1.13 -12.19 2.29
CA PRO A 22 0.48 -11.11 3.04
C PRO A 22 0.37 -9.86 2.19
N THR A 23 -0.63 -9.06 2.51
CA THR A 23 -0.79 -7.75 1.92
C THR A 23 -1.14 -6.82 3.06
N SER A 24 -0.80 -5.54 2.96
CA SER A 24 -1.11 -4.60 4.04
C SER A 24 -1.64 -3.29 3.53
N PHE A 25 -2.15 -2.48 4.44
CA PHE A 25 -2.80 -1.23 4.07
C PHE A 25 -2.77 -0.30 5.29
N PRO A 26 -2.79 1.01 5.06
CA PRO A 26 -2.74 1.94 6.18
C PRO A 26 -4.14 2.22 6.71
N LEU A 27 -4.20 2.80 7.91
CA LEU A 27 -5.46 3.25 8.49
C LEU A 27 -5.18 4.54 9.27
N GLU A 28 -6.22 5.17 9.81
CA GLU A 28 -6.03 6.42 10.52
C GLU A 28 -5.19 6.25 11.79
N HIS A 29 -4.69 7.36 12.31
CA HIS A 29 -4.03 7.41 13.61
C HIS A 29 -2.88 6.44 13.72
N ASN A 30 -2.13 6.33 12.64
CA ASN A 30 -0.97 5.43 12.59
C ASN A 30 -1.26 3.96 12.82
N HIS A 31 -2.49 3.55 12.55
CA HIS A 31 -2.82 2.12 12.56
C HIS A 31 -2.51 1.55 11.21
N PHE A 32 -2.44 0.23 11.14
CA PHE A 32 -2.37 -0.38 9.83
C PHE A 32 -2.83 -1.80 9.88
N GLY A 33 -3.05 -2.37 8.70
CA GLY A 33 -3.61 -3.68 8.61
C GLY A 33 -2.68 -4.60 7.88
N VAL A 34 -2.66 -5.85 8.34
CA VAL A 34 -1.97 -6.91 7.63
C VAL A 34 -2.94 -8.07 7.45
N MSE A 35 -3.24 -8.38 6.20
CA MSE A 35 -4.03 -9.55 5.91
C MSE A 35 -3.16 -10.71 5.42
O MSE A 35 -2.44 -10.62 4.41
CB MSE A 35 -5.10 -9.18 4.89
CG MSE A 35 -5.10 -10.07 3.70
SE MSE A 35 -6.83 -10.78 3.33
CE MSE A 35 -6.84 -12.27 4.59
N GLU A 36 -3.17 -11.82 6.17
CA GLU A 36 -2.41 -13.00 5.77
C GLU A 36 -3.12 -14.25 6.23
N ASP A 37 -3.27 -15.20 5.29
CA ASP A 37 -3.96 -16.49 5.48
C ASP A 37 -5.23 -16.50 6.36
N GLY A 38 -6.33 -16.00 5.79
CA GLY A 38 -7.62 -16.03 6.46
C GLY A 38 -7.74 -15.15 7.69
N TYR A 39 -6.77 -14.26 7.90
CA TYR A 39 -6.80 -13.35 9.04
C TYR A 39 -6.40 -11.92 8.69
N ILE A 40 -7.09 -10.96 9.27
CA ILE A 40 -6.70 -9.56 9.15
C ILE A 40 -6.33 -9.05 10.53
N LYS A 41 -5.10 -8.58 10.67
CA LYS A 41 -4.63 -8.04 11.94
C LYS A 41 -4.38 -6.54 11.86
N ILE A 42 -4.99 -5.80 12.77
CA ILE A 42 -4.82 -4.36 12.85
C ILE A 42 -3.83 -4.00 13.92
N TYR A 43 -2.83 -3.20 13.55
CA TYR A 43 -1.81 -2.76 14.49
C TYR A 43 -1.76 -1.26 14.65
N GLU A 44 -1.16 -0.81 15.74
CA GLU A 44 -0.82 0.59 15.88
C GLU A 44 0.67 0.81 16.13
N TYR A 45 1.24 1.76 15.41
CA TYR A 45 2.58 2.23 15.73
C TYR A 45 2.48 3.53 16.53
N ASN A 46 2.98 3.50 17.76
CA ASN A 46 3.05 4.74 18.52
C ASN A 46 4.41 5.35 18.31
N GLU A 47 4.48 6.40 17.51
CA GLU A 47 5.76 7.05 17.23
C GLU A 47 6.48 7.59 18.47
N SER A 48 5.72 8.14 19.42
CA SER A 48 6.33 8.78 20.59
C SER A 48 7.03 7.78 21.50
N ARG A 49 6.40 6.63 21.71
CA ARG A 49 7.02 5.57 22.47
C ARG A 49 7.85 4.67 21.57
N ASN A 50 7.71 4.86 20.26
CA ASN A 50 8.35 3.98 19.29
C ASN A 50 7.99 2.52 19.52
N GLU A 51 6.69 2.23 19.56
CA GLU A 51 6.20 0.89 19.80
C GLU A 51 5.16 0.45 18.76
N VAL A 52 5.14 -0.85 18.47
CA VAL A 52 4.02 -1.42 17.75
C VAL A 52 3.22 -2.32 18.69
N LYS A 53 1.90 -2.15 18.62
CA LYS A 53 0.97 -3.04 19.32
C LYS A 53 0.04 -3.66 18.29
N LEU A 54 -0.31 -4.92 18.50
CA LEU A 54 -1.41 -5.57 17.78
C LEU A 54 -2.69 -5.15 18.49
N LYS A 55 -3.66 -4.64 17.77
CA LYS A 55 -4.86 -4.12 18.43
C LYS A 55 -6.10 -5.01 18.27
N LYS A 56 -6.15 -5.76 17.18
CA LYS A 56 -7.36 -6.45 16.82
C LYS A 56 -7.05 -7.55 15.83
N GLU A 57 -7.58 -8.76 16.08
CA GLU A 57 -7.47 -9.85 15.12
C GLU A 57 -8.82 -10.13 14.53
N TYR A 58 -8.88 -10.49 13.26
CA TYR A 58 -10.18 -10.72 12.63
C TYR A 58 -10.11 -11.88 11.68
N ALA A 59 -11.01 -12.83 11.83
CA ALA A 59 -11.02 -14.01 10.97
C ALA A 59 -11.80 -13.65 9.70
N ASP A 60 -11.11 -13.66 8.58
CA ASP A 60 -11.68 -13.19 7.32
C ASP A 60 -12.45 -14.33 6.66
N ASP A 61 -13.49 -14.81 7.33
CA ASP A 61 -14.26 -15.93 6.83
C ASP A 61 -15.77 -15.70 6.96
N GLU A 62 -16.20 -14.46 6.86
CA GLU A 62 -17.63 -14.16 6.82
C GLU A 62 -18.18 -14.41 5.42
N PRO B 20 -0.61 -14.32 -13.33
CA PRO B 20 -0.23 -12.93 -13.01
C PRO B 20 -1.00 -12.38 -11.80
N GLN B 21 -0.30 -11.72 -10.88
CA GLN B 21 -0.93 -11.26 -9.65
C GLN B 21 -1.45 -9.84 -9.79
N PRO B 22 -2.37 -9.45 -8.90
CA PRO B 22 -2.91 -8.09 -8.94
C PRO B 22 -2.16 -7.17 -8.00
N THR B 23 -2.26 -5.87 -8.27
CA THR B 23 -1.78 -4.85 -7.37
C THR B 23 -2.79 -3.70 -7.46
N SER B 24 -3.00 -3.00 -6.37
CA SER B 24 -4.07 -2.01 -6.30
C SER B 24 -3.53 -0.77 -5.62
N PHE B 25 -4.29 0.31 -5.68
CA PHE B 25 -3.81 1.59 -5.19
C PHE B 25 -4.98 2.54 -5.04
N PRO B 26 -4.87 3.48 -4.11
CA PRO B 26 -5.92 4.46 -3.79
C PRO B 26 -5.90 5.71 -4.70
N LEU B 27 -7.03 6.41 -4.75
CA LEU B 27 -7.17 7.65 -5.50
C LEU B 27 -8.11 8.55 -4.70
N GLU B 28 -8.37 9.75 -5.21
CA GLU B 28 -9.15 10.68 -4.40
C GLU B 28 -10.63 10.30 -4.39
N HIS B 29 -11.39 10.88 -3.48
CA HIS B 29 -12.82 10.68 -3.49
C HIS B 29 -13.18 9.20 -3.54
N ASN B 30 -12.52 8.40 -2.70
CA ASN B 30 -12.85 7.00 -2.55
C ASN B 30 -12.83 6.18 -3.84
N HIS B 31 -12.06 6.62 -4.83
CA HIS B 31 -11.79 5.78 -5.98
C HIS B 31 -10.57 4.96 -5.70
N PHE B 32 -10.37 3.92 -6.50
CA PHE B 32 -9.16 3.13 -6.41
C PHE B 32 -8.94 2.39 -7.68
N GLY B 33 -7.74 1.87 -7.85
CA GLY B 33 -7.41 1.18 -9.09
C GLY B 33 -6.80 -0.18 -8.87
N VAL B 34 -6.97 -1.04 -9.86
CA VAL B 34 -6.32 -2.33 -9.85
C VAL B 34 -5.54 -2.51 -11.15
N MSE B 35 -4.34 -3.04 -11.02
CA MSE B 35 -3.54 -3.46 -12.15
C MSE B 35 -3.40 -4.99 -12.07
O MSE B 35 -2.98 -5.53 -11.05
CB MSE B 35 -2.16 -2.76 -12.10
CG MSE B 35 -1.03 -3.49 -12.84
SE MSE B 35 -1.27 -3.70 -14.76
CE MSE B 35 0.05 -5.09 -15.09
N GLU B 36 -3.81 -5.68 -13.13
CA GLU B 36 -3.77 -7.14 -13.18
C GLU B 36 -3.68 -7.65 -14.61
N ASP B 37 -2.86 -8.68 -14.81
CA ASP B 37 -2.67 -9.30 -16.13
C ASP B 37 -2.65 -8.32 -17.29
N GLY B 38 -1.88 -7.24 -17.15
CA GLY B 38 -1.79 -6.25 -18.20
C GLY B 38 -3.13 -5.58 -18.47
N TYR B 39 -3.69 -4.96 -17.44
CA TYR B 39 -4.97 -4.26 -17.55
C TYR B 39 -5.10 -3.28 -16.39
N ILE B 40 -5.72 -2.13 -16.64
CA ILE B 40 -5.96 -1.18 -15.57
C ILE B 40 -7.45 -0.87 -15.43
N LYS B 41 -7.97 -1.17 -14.25
CA LYS B 41 -9.36 -0.88 -13.94
C LYS B 41 -9.42 0.10 -12.80
N ILE B 42 -10.27 1.10 -12.92
CA ILE B 42 -10.48 2.09 -11.87
C ILE B 42 -11.91 1.99 -11.35
N TYR B 43 -12.05 1.89 -10.03
CA TYR B 43 -13.35 1.73 -9.39
C TYR B 43 -13.65 2.90 -8.45
N GLU B 44 -14.92 3.08 -8.11
CA GLU B 44 -15.30 4.05 -7.10
C GLU B 44 -16.13 3.41 -6.01
N TYR B 45 -15.80 3.71 -4.77
CA TYR B 45 -16.61 3.25 -3.66
C TYR B 45 -17.46 4.36 -3.05
N ASN B 46 -18.78 4.25 -3.19
CA ASN B 46 -19.71 5.15 -2.54
C ASN B 46 -20.11 4.62 -1.17
N GLU B 47 -19.52 5.17 -0.12
CA GLU B 47 -19.80 4.72 1.23
C GLU B 47 -21.29 4.80 1.58
N SER B 48 -21.95 5.88 1.14
CA SER B 48 -23.34 6.14 1.46
C SER B 48 -24.33 5.11 0.95
N ARG B 49 -24.07 4.59 -0.24
CA ARG B 49 -24.94 3.58 -0.80
C ARG B 49 -24.32 2.21 -0.52
N ASN B 50 -23.14 2.22 0.07
CA ASN B 50 -22.38 1.00 0.24
C ASN B 50 -22.27 0.21 -1.06
N GLU B 51 -21.72 0.85 -2.10
CA GLU B 51 -21.61 0.23 -3.41
C GLU B 51 -20.28 0.49 -4.12
N VAL B 52 -19.92 -0.42 -5.01
CA VAL B 52 -18.74 -0.28 -5.86
C VAL B 52 -19.11 -0.24 -7.34
N LYS B 53 -18.85 0.87 -8.02
CA LYS B 53 -19.06 0.93 -9.45
C LYS B 53 -17.74 0.94 -10.19
N LEU B 54 -17.60 0.11 -11.21
CA LEU B 54 -16.43 0.18 -12.07
C LEU B 54 -16.64 1.43 -12.90
N LYS B 55 -15.61 2.25 -13.03
CA LYS B 55 -15.76 3.52 -13.74
C LYS B 55 -15.07 3.53 -15.10
N LYS B 56 -13.89 2.93 -15.18
CA LYS B 56 -13.11 2.95 -16.41
C LYS B 56 -12.20 1.71 -16.44
N GLU B 57 -11.77 1.33 -17.63
CA GLU B 57 -10.97 0.11 -17.79
C GLU B 57 -10.18 0.18 -19.07
N TYR B 58 -8.86 0.03 -18.97
CA TYR B 58 -7.98 0.16 -20.12
C TYR B 58 -7.21 -1.13 -20.38
N ALA B 59 -7.15 -1.55 -21.64
CA ALA B 59 -6.20 -2.55 -22.07
C ALA B 59 -4.84 -1.92 -21.85
N ASP B 60 -3.77 -2.71 -21.88
CA ASP B 60 -2.46 -2.13 -21.55
C ASP B 60 -1.77 -1.42 -22.70
N ASP B 61 -1.94 -0.10 -22.69
CA ASP B 61 -1.43 0.78 -23.72
C ASP B 61 -1.69 2.22 -23.30
N GLU B 62 -0.92 3.15 -23.86
CA GLU B 62 -1.13 4.57 -23.61
C GLU B 62 -2.16 5.12 -24.60
N GLN C 21 7.93 -10.29 -5.55
CA GLN C 21 8.79 -9.93 -4.43
C GLN C 21 9.10 -8.43 -4.28
N PRO C 22 8.54 -7.57 -5.16
CA PRO C 22 8.71 -6.13 -4.91
C PRO C 22 7.48 -5.57 -4.23
N THR C 23 7.66 -4.60 -3.33
CA THR C 23 6.52 -3.91 -2.72
C THR C 23 6.86 -2.42 -2.64
N SER C 24 5.85 -1.56 -2.79
CA SER C 24 6.10 -0.14 -2.76
C SER C 24 5.20 0.55 -1.76
N PHE C 25 5.58 1.77 -1.41
CA PHE C 25 4.85 2.55 -0.41
C PHE C 25 5.12 4.04 -0.63
N PRO C 26 4.10 4.86 -0.38
CA PRO C 26 4.14 6.31 -0.59
C PRO C 26 4.85 7.06 0.53
N LEU C 27 5.35 8.27 0.23
CA LEU C 27 5.93 9.15 1.22
C LEU C 27 5.49 10.59 0.96
N GLU C 28 5.92 11.49 1.84
CA GLU C 28 5.54 12.89 1.73
C GLU C 28 6.17 13.50 0.49
N HIS C 29 5.53 14.53 -0.04
CA HIS C 29 6.11 15.32 -1.10
C HIS C 29 6.45 14.45 -2.28
N ASN C 30 5.51 13.60 -2.66
CA ASN C 30 5.61 12.81 -3.89
C ASN C 30 6.81 11.90 -3.96
N HIS C 31 7.34 11.52 -2.82
CA HIS C 31 8.40 10.52 -2.82
C HIS C 31 7.73 9.22 -2.63
N PHE C 32 8.44 8.14 -2.92
CA PHE C 32 7.84 6.82 -2.75
C PHE C 32 8.95 5.82 -2.65
N GLY C 33 8.68 4.71 -1.97
CA GLY C 33 9.72 3.72 -1.78
C GLY C 33 9.43 2.40 -2.44
N VAL C 34 10.47 1.74 -2.91
CA VAL C 34 10.33 0.41 -3.44
C VAL C 34 11.21 -0.52 -2.64
N MSE C 35 10.59 -1.47 -1.97
CA MSE C 35 11.31 -2.50 -1.25
C MSE C 35 11.41 -3.68 -2.21
O MSE C 35 10.45 -4.03 -2.89
CB MSE C 35 10.52 -2.89 -0.01
CG MSE C 35 11.31 -2.94 1.30
SE MSE C 35 12.47 -4.51 1.47
CE MSE C 35 12.50 -4.69 3.42
N GLU C 36 12.59 -4.28 -2.30
CA GLU C 36 12.78 -5.33 -3.29
C GLU C 36 14.10 -6.07 -3.14
N ASP C 37 14.01 -7.34 -2.75
CA ASP C 37 15.18 -8.20 -2.59
C ASP C 37 16.18 -7.61 -1.60
N GLY C 38 15.73 -7.39 -0.38
CA GLY C 38 16.59 -6.83 0.65
C GLY C 38 17.01 -5.39 0.42
N TYR C 39 16.67 -4.85 -0.76
CA TYR C 39 17.04 -3.47 -1.08
C TYR C 39 15.90 -2.46 -1.09
N ILE C 40 16.05 -1.41 -0.29
CA ILE C 40 15.13 -0.28 -0.27
C ILE C 40 15.65 0.90 -1.06
N LYS C 41 14.95 1.24 -2.13
CA LYS C 41 15.29 2.39 -2.94
C LYS C 41 14.20 3.40 -2.74
N ILE C 42 14.54 4.69 -2.82
CA ILE C 42 13.60 5.78 -2.55
C ILE C 42 13.62 6.81 -3.66
N TYR C 43 12.45 7.18 -4.14
CA TYR C 43 12.33 7.98 -5.33
C TYR C 43 11.52 9.21 -5.07
N GLU C 44 11.61 10.14 -6.00
CA GLU C 44 10.80 11.35 -5.97
C GLU C 44 10.29 11.57 -7.37
N TYR C 45 9.00 11.89 -7.48
CA TYR C 45 8.42 12.27 -8.76
C TYR C 45 8.15 13.77 -8.73
N ASN C 46 8.80 14.49 -9.63
CA ASN C 46 8.53 15.91 -9.76
C ASN C 46 7.45 16.08 -10.79
N GLU C 47 6.23 16.35 -10.33
CA GLU C 47 5.10 16.50 -11.24
C GLU C 47 5.30 17.67 -12.17
N SER C 48 5.98 18.69 -11.65
CA SER C 48 6.29 19.88 -12.44
C SER C 48 7.23 19.58 -13.61
N ARG C 49 8.34 18.91 -13.32
CA ARG C 49 9.27 18.51 -14.38
C ARG C 49 8.84 17.18 -14.99
N ASN C 50 7.71 16.64 -14.53
CA ASN C 50 7.28 15.31 -14.95
C ASN C 50 8.41 14.30 -15.08
N GLU C 51 9.13 14.04 -14.00
CA GLU C 51 10.23 13.08 -14.05
C GLU C 51 10.50 12.50 -12.66
N VAL C 52 11.03 11.28 -12.63
CA VAL C 52 11.34 10.65 -11.35
C VAL C 52 12.83 10.43 -11.21
N LYS C 53 13.29 10.41 -9.96
CA LYS C 53 14.72 10.22 -9.70
C LYS C 53 14.92 9.36 -8.47
N LEU C 54 15.81 8.38 -8.58
CA LEU C 54 16.25 7.64 -7.41
C LEU C 54 16.92 8.67 -6.50
N LYS C 55 16.76 8.52 -5.19
CA LYS C 55 17.35 9.47 -4.26
C LYS C 55 18.24 8.80 -3.22
N LYS C 56 17.87 7.60 -2.82
CA LYS C 56 18.66 6.86 -1.83
C LYS C 56 18.45 5.36 -2.06
N GLU C 57 19.47 4.58 -1.75
CA GLU C 57 19.41 3.11 -1.81
C GLU C 57 20.00 2.53 -0.54
N TYR C 58 19.42 1.44 -0.05
CA TYR C 58 19.92 0.78 1.15
C TYR C 58 19.79 -0.73 1.06
N ALA C 59 20.70 -1.46 1.70
CA ALA C 59 20.48 -2.87 1.97
C ALA C 59 19.84 -2.94 3.35
N ASP C 60 18.86 -3.82 3.49
CA ASP C 60 18.16 -3.97 4.76
C ASP C 60 19.13 -4.22 5.92
N ASP C 61 20.17 -5.02 5.64
CA ASP C 61 21.21 -5.30 6.63
C ASP C 61 22.03 -4.06 7.02
N GLU C 62 22.20 -3.13 6.08
CA GLU C 62 22.85 -1.86 6.40
C GLU C 62 22.07 -1.14 7.49
N LEU C 63 20.74 -1.13 7.34
CA LEU C 63 19.87 -0.43 8.25
C LEU C 63 19.86 -1.12 9.62
N GLU C 64 19.87 -2.46 9.58
CA GLU C 64 19.95 -3.28 10.78
C GLU C 64 21.16 -3.00 11.67
N LEU C 65 22.19 -2.36 11.10
CA LEU C 65 23.38 -1.94 11.84
C LEU C 65 23.33 -2.28 13.33
N GLN D 21 8.18 -12.32 -0.86
CA GLN D 21 7.16 -12.37 0.20
C GLN D 21 6.83 -11.10 1.04
N PRO D 22 7.60 -9.98 0.90
CA PRO D 22 7.33 -8.83 1.79
C PRO D 22 6.24 -7.88 1.30
N THR D 23 5.56 -7.23 2.24
CA THR D 23 4.55 -6.22 1.92
C THR D 23 4.79 -4.96 2.76
N SER D 24 4.47 -3.79 2.21
CA SER D 24 4.81 -2.54 2.91
C SER D 24 3.65 -1.60 2.95
N PHE D 25 3.71 -0.68 3.90
CA PHE D 25 2.63 0.29 4.13
C PHE D 25 3.22 1.59 4.71
N PRO D 26 2.57 2.72 4.45
CA PRO D 26 2.93 4.04 4.94
C PRO D 26 2.41 4.30 6.35
N LEU D 27 3.09 5.19 7.08
CA LEU D 27 2.71 5.59 8.42
C LEU D 27 2.92 7.08 8.45
N GLU D 28 2.65 7.74 9.58
CA GLU D 28 2.75 9.19 9.66
C GLU D 28 4.19 9.68 9.67
N HIS D 29 4.36 10.97 9.42
CA HIS D 29 5.66 11.61 9.50
C HIS D 29 6.73 10.86 8.69
N ASN D 30 6.40 10.51 7.44
CA ASN D 30 7.36 9.82 6.57
C ASN D 30 7.94 8.51 7.12
N HIS D 31 7.28 7.91 8.09
CA HIS D 31 7.63 6.54 8.49
C HIS D 31 6.91 5.59 7.56
N PHE D 32 7.38 4.35 7.54
CA PHE D 32 6.75 3.27 6.79
C PHE D 32 7.12 1.96 7.46
N GLY D 33 6.38 0.91 7.13
CA GLY D 33 6.65 -0.39 7.70
C GLY D 33 6.73 -1.49 6.65
N VAL D 34 7.52 -2.50 6.97
CA VAL D 34 7.57 -3.67 6.12
C VAL D 34 7.19 -4.87 6.97
N MSE D 35 6.47 -5.79 6.36
CA MSE D 35 6.18 -7.04 7.01
C MSE D 35 6.75 -8.12 6.13
O MSE D 35 6.36 -8.25 4.96
CB MSE D 35 4.67 -7.20 7.14
CG MSE D 35 4.23 -7.72 8.51
SE MSE D 35 4.28 -9.67 8.69
CE MSE D 35 3.94 -9.75 10.61
N GLU D 36 7.71 -8.87 6.65
CA GLU D 36 8.35 -9.94 5.88
C GLU D 36 8.76 -11.10 6.78
N ASP D 37 8.41 -12.31 6.35
CA ASP D 37 8.45 -13.47 7.24
C ASP D 37 7.50 -13.19 8.40
N GLY D 38 7.96 -13.46 9.62
CA GLY D 38 7.15 -13.14 10.79
C GLY D 38 7.47 -11.77 11.36
N TYR D 39 8.36 -11.04 10.70
CA TYR D 39 8.88 -9.81 11.27
C TYR D 39 8.24 -8.56 10.72
N ILE D 40 7.80 -7.69 11.63
CA ILE D 40 7.42 -6.34 11.28
C ILE D 40 8.64 -5.45 11.54
N LYS D 41 8.93 -4.53 10.61
CA LYS D 41 10.03 -3.58 10.75
C LYS D 41 9.50 -2.19 10.48
N ILE D 42 9.76 -1.25 11.39
CA ILE D 42 9.35 0.14 11.16
C ILE D 42 10.53 1.05 10.83
N TYR D 43 10.35 1.87 9.81
CA TYR D 43 11.41 2.70 9.28
C TYR D 43 10.98 4.15 9.28
N GLU D 44 11.97 5.03 9.15
CA GLU D 44 11.74 6.45 8.93
C GLU D 44 12.56 6.95 7.77
N TYR D 45 11.95 7.68 6.86
CA TYR D 45 12.73 8.38 5.85
C TYR D 45 12.88 9.86 6.21
N ASN D 46 14.12 10.33 6.37
CA ASN D 46 14.32 11.74 6.63
C ASN D 46 14.67 12.50 5.37
N GLU D 47 13.68 13.17 4.80
CA GLU D 47 13.88 13.84 3.53
C GLU D 47 14.99 14.89 3.66
N SER D 48 15.06 15.54 4.81
CA SER D 48 16.03 16.62 5.03
C SER D 48 17.49 16.14 4.94
N ARG D 49 17.79 15.04 5.64
CA ARG D 49 19.10 14.41 5.55
C ARG D 49 19.10 13.40 4.42
N ASN D 50 17.97 13.25 3.75
CA ASN D 50 17.83 12.23 2.71
C ASN D 50 18.37 10.87 3.14
N GLU D 51 17.79 10.29 4.18
CA GLU D 51 18.23 8.98 4.63
C GLU D 51 17.14 8.25 5.40
N VAL D 52 17.22 6.92 5.42
CA VAL D 52 16.25 6.16 6.17
C VAL D 52 16.91 5.43 7.31
N LYS D 53 16.17 5.30 8.41
CA LYS D 53 16.62 4.57 9.59
C LYS D 53 15.63 3.50 9.98
N LEU D 54 16.15 2.32 10.29
CA LEU D 54 15.32 1.31 10.88
C LEU D 54 15.06 1.77 12.32
N LYS D 55 13.80 1.99 12.68
CA LYS D 55 13.46 2.49 14.01
C LYS D 55 13.07 1.38 14.99
N LYS D 56 12.42 0.33 14.52
CA LYS D 56 11.95 -0.71 15.44
C LYS D 56 11.69 -2.05 14.74
N GLU D 57 11.96 -3.15 15.45
CA GLU D 57 11.79 -4.50 14.89
C GLU D 57 11.13 -5.45 15.89
N TYR D 58 10.07 -6.11 15.43
CA TYR D 58 9.31 -7.07 16.22
C TYR D 58 9.14 -8.37 15.46
N ALA D 59 9.25 -9.48 16.18
CA ALA D 59 8.73 -10.73 15.67
C ALA D 59 7.21 -10.75 15.92
N ASP D 60 6.42 -10.92 14.86
CA ASP D 60 4.97 -10.97 14.99
C ASP D 60 4.44 -11.86 16.12
N ASP D 61 5.14 -12.95 16.42
CA ASP D 61 4.70 -13.84 17.48
C ASP D 61 4.72 -13.14 18.83
N GLU D 62 5.75 -12.33 19.08
CA GLU D 62 5.81 -11.65 20.37
C GLU D 62 4.70 -10.61 20.43
N LEU D 63 4.35 -10.06 19.28
CA LEU D 63 3.21 -9.17 19.20
C LEU D 63 1.92 -9.91 19.53
N GLU D 64 1.75 -11.09 18.94
CA GLU D 64 0.55 -11.88 19.23
C GLU D 64 0.44 -12.19 20.69
N LEU D 65 1.58 -12.58 21.28
CA LEU D 65 1.63 -12.89 22.69
C LEU D 65 1.22 -11.68 23.50
N GLU D 66 1.89 -10.55 23.27
CA GLU D 66 1.49 -9.31 23.95
C GLU D 66 -0.03 -9.16 23.89
N HIS D 67 -0.61 -9.40 22.73
CA HIS D 67 -2.04 -9.12 22.53
C HIS D 67 -2.95 -10.06 23.28
N HIS D 68 -2.63 -11.36 23.28
CA HIS D 68 -3.34 -12.29 24.14
C HIS D 68 -2.78 -12.09 25.54
N HIS D 69 -3.09 -10.93 26.13
CA HIS D 69 -2.51 -10.51 27.41
C HIS D 69 -1.21 -11.25 27.76
N GLN E 21 4.36 -9.82 -11.33
CA GLN E 21 4.85 -9.35 -10.03
C GLN E 21 4.85 -7.82 -9.92
N PRO E 22 3.71 -7.18 -10.24
CA PRO E 22 3.62 -5.71 -10.21
C PRO E 22 3.46 -5.18 -8.78
N THR E 23 3.90 -3.95 -8.55
CA THR E 23 3.59 -3.25 -7.32
C THR E 23 3.13 -1.85 -7.69
N SER E 24 2.18 -1.29 -6.93
CA SER E 24 1.80 0.09 -7.21
C SER E 24 1.75 0.95 -5.96
N PHE E 25 1.72 2.26 -6.18
CA PHE E 25 1.65 3.22 -5.09
C PHE E 25 1.01 4.49 -5.63
N PRO E 26 0.35 5.24 -4.75
CA PRO E 26 -0.26 6.53 -5.11
C PRO E 26 0.72 7.72 -5.07
N LEU E 27 0.37 8.78 -5.77
CA LEU E 27 1.14 10.02 -5.78
C LEU E 27 0.13 11.18 -5.66
N GLU E 28 0.62 12.41 -5.61
CA GLU E 28 -0.28 13.53 -5.38
C GLU E 28 -1.12 13.76 -6.61
N HIS E 29 -2.23 14.47 -6.44
CA HIS E 29 -3.05 14.87 -7.58
C HIS E 29 -3.51 13.70 -8.42
N ASN E 30 -3.99 12.65 -7.77
CA ASN E 30 -4.54 11.50 -8.45
C ASN E 30 -3.56 10.79 -9.38
N HIS E 31 -2.27 11.04 -9.21
CA HIS E 31 -1.29 10.26 -9.96
C HIS E 31 -1.05 8.94 -9.25
N PHE E 32 -0.42 8.00 -9.93
CA PHE E 32 -0.01 6.75 -9.28
C PHE E 32 1.06 6.04 -10.09
N GLY E 33 1.92 5.31 -9.40
CA GLY E 33 2.99 4.59 -10.05
C GLY E 33 2.78 3.09 -10.03
N VAL E 34 3.32 2.40 -11.01
CA VAL E 34 3.35 0.95 -11.00
C VAL E 34 4.77 0.52 -11.34
N MSE E 35 5.36 -0.32 -10.49
CA MSE E 35 6.69 -0.84 -10.81
C MSE E 35 6.61 -2.30 -11.26
O MSE E 35 6.20 -3.18 -10.50
CB MSE E 35 7.63 -0.73 -9.61
CG MSE E 35 8.73 -1.79 -9.63
SE MSE E 35 10.53 -1.11 -9.39
CE MSE E 35 10.90 -0.55 -11.22
N GLU E 36 7.02 -2.54 -12.51
CA GLU E 36 6.98 -3.87 -13.11
C GLU E 36 8.36 -4.31 -13.63
N ASP E 37 8.93 -5.29 -12.95
CA ASP E 37 10.24 -5.88 -13.28
C ASP E 37 11.33 -4.92 -13.80
N GLY E 38 11.51 -3.83 -13.07
CA GLY E 38 12.60 -2.91 -13.37
C GLY E 38 12.15 -1.67 -14.12
N TYR E 39 10.84 -1.56 -14.36
CA TYR E 39 10.29 -0.43 -15.09
C TYR E 39 9.18 0.28 -14.28
N ILE E 40 9.44 1.54 -13.94
CA ILE E 40 8.46 2.38 -13.28
C ILE E 40 7.62 3.11 -14.31
N LYS E 41 6.30 3.04 -14.18
CA LYS E 41 5.44 3.86 -15.01
C LYS E 41 4.53 4.72 -14.14
N ILE E 42 4.53 6.02 -14.39
CA ILE E 42 3.70 6.97 -13.65
C ILE E 42 2.47 7.36 -14.48
N TYR E 43 1.29 7.29 -13.86
CA TYR E 43 0.04 7.59 -14.55
C TYR E 43 -0.71 8.70 -13.82
N GLU E 44 -1.75 9.22 -14.45
CA GLU E 44 -2.68 10.11 -13.76
C GLU E 44 -4.10 9.68 -14.06
N TYR E 45 -4.96 9.74 -13.08
CA TYR E 45 -6.39 9.54 -13.32
C TYR E 45 -7.07 10.89 -13.24
N ASN E 46 -7.75 11.26 -14.32
CA ASN E 46 -8.52 12.50 -14.33
C ASN E 46 -9.99 12.21 -14.10
N GLU E 47 -10.36 12.12 -12.83
CA GLU E 47 -11.72 11.81 -12.41
C GLU E 47 -12.74 12.53 -13.26
N SER E 48 -12.62 13.85 -13.36
CA SER E 48 -13.63 14.65 -14.05
C SER E 48 -13.85 14.21 -15.49
N ARG E 49 -12.76 13.91 -16.19
CA ARG E 49 -12.87 13.43 -17.54
C ARG E 49 -13.01 11.90 -17.59
N ASN E 50 -12.95 11.28 -16.40
CA ASN E 50 -12.95 9.84 -16.29
C ASN E 50 -11.92 9.18 -17.20
N GLU E 51 -10.69 9.69 -17.14
CA GLU E 51 -9.64 9.27 -18.07
C GLU E 51 -8.36 8.93 -17.34
N VAL E 52 -7.64 7.93 -17.84
CA VAL E 52 -6.30 7.62 -17.33
C VAL E 52 -5.30 7.74 -18.48
N LYS E 53 -4.11 8.27 -18.20
CA LYS E 53 -3.04 8.28 -19.19
C LYS E 53 -1.65 8.13 -18.58
N LEU E 54 -0.71 7.70 -19.40
CA LEU E 54 0.66 7.45 -18.96
C LEU E 54 1.45 8.74 -18.99
N LYS E 55 1.92 9.17 -17.84
CA LYS E 55 2.65 10.42 -17.76
C LYS E 55 4.14 10.22 -18.03
N LYS E 56 4.74 9.21 -17.41
CA LYS E 56 6.17 8.93 -17.64
C LYS E 56 6.52 7.45 -17.49
N GLU E 57 7.60 7.04 -18.13
CA GLU E 57 8.08 5.67 -18.08
C GLU E 57 9.57 5.73 -17.85
N TYR E 58 10.05 4.86 -16.98
CA TYR E 58 11.41 4.98 -16.48
C TYR E 58 11.93 3.57 -16.14
N ALA E 59 13.23 3.35 -16.31
CA ALA E 59 13.83 2.05 -16.03
C ALA E 59 14.91 2.19 -14.97
N ASP E 60 14.98 1.22 -14.05
CA ASP E 60 15.81 1.37 -12.86
C ASP E 60 17.24 1.80 -13.17
N ASP E 61 17.67 1.62 -14.41
CA ASP E 61 18.98 2.11 -14.84
C ASP E 61 19.15 3.57 -14.44
N GLU E 62 19.78 3.76 -13.29
CA GLU E 62 19.99 5.07 -12.71
C GLU E 62 21.48 5.41 -12.69
N LEU E 63 21.79 6.60 -13.17
CA LEU E 63 23.18 7.08 -13.22
C LEU E 63 24.14 6.06 -12.63
N PRO F 20 -4.79 -16.90 -7.61
CA PRO F 20 -5.17 -16.41 -6.28
C PRO F 20 -3.98 -15.68 -5.66
N GLN F 21 -4.19 -14.49 -5.09
CA GLN F 21 -3.10 -13.71 -4.50
C GLN F 21 -3.53 -12.30 -4.13
N PRO F 22 -3.78 -12.07 -2.84
CA PRO F 22 -4.49 -10.87 -2.39
C PRO F 22 -3.70 -9.57 -2.53
N THR F 23 -4.43 -8.49 -2.73
CA THR F 23 -3.91 -7.13 -2.68
C THR F 23 -4.98 -6.24 -2.02
N SER F 24 -4.55 -5.29 -1.20
CA SER F 24 -5.47 -4.44 -0.46
C SER F 24 -5.13 -2.98 -0.69
N PHE F 25 -6.04 -2.11 -0.28
CA PHE F 25 -5.91 -0.70 -0.54
C PHE F 25 -6.77 0.07 0.46
N PRO F 26 -6.40 1.32 0.75
CA PRO F 26 -7.14 2.10 1.75
C PRO F 26 -8.29 2.87 1.13
N LEU F 27 -9.30 3.20 1.94
CA LEU F 27 -10.40 4.04 1.52
C LEU F 27 -10.65 5.07 2.62
N GLU F 28 -11.56 6.01 2.40
CA GLU F 28 -11.88 7.00 3.42
C GLU F 28 -12.49 6.36 4.68
N HIS F 29 -12.51 7.14 5.76
CA HIS F 29 -13.07 6.77 7.06
C HIS F 29 -12.74 5.35 7.50
N ASN F 30 -11.47 5.01 7.47
CA ASN F 30 -11.00 3.75 8.02
C ASN F 30 -11.58 2.53 7.35
N HIS F 31 -12.16 2.73 6.17
CA HIS F 31 -12.54 1.59 5.36
C HIS F 31 -11.31 1.22 4.57
N PHE F 32 -11.36 0.02 4.02
CA PHE F 32 -10.28 -0.47 3.21
C PHE F 32 -10.85 -1.61 2.39
N GLY F 33 -10.12 -2.05 1.39
CA GLY F 33 -10.64 -3.06 0.50
C GLY F 33 -9.56 -4.05 0.17
N VAL F 34 -9.96 -5.23 -0.27
CA VAL F 34 -9.03 -6.23 -0.71
C VAL F 34 -9.57 -6.97 -1.93
N MSE F 35 -8.65 -7.31 -2.83
CA MSE F 35 -8.96 -8.03 -4.05
C MSE F 35 -8.33 -9.42 -4.00
O MSE F 35 -7.11 -9.56 -3.86
CB MSE F 35 -8.44 -7.25 -5.26
CG MSE F 35 -9.52 -6.59 -6.09
SE MSE F 35 -10.30 -7.87 -7.34
CE MSE F 35 -8.69 -8.19 -8.36
N GLU F 36 -9.15 -10.45 -4.12
CA GLU F 36 -8.68 -11.81 -3.97
C GLU F 36 -9.41 -12.76 -4.92
N ASP F 37 -8.77 -13.06 -6.05
CA ASP F 37 -9.33 -13.96 -7.04
C ASP F 37 -10.70 -13.48 -7.53
N GLY F 38 -10.70 -12.45 -8.37
CA GLY F 38 -11.91 -11.95 -8.99
C GLY F 38 -12.94 -11.33 -8.05
N TYR F 39 -12.62 -11.33 -6.76
CA TYR F 39 -13.54 -10.83 -5.73
C TYR F 39 -13.01 -9.58 -5.01
N ILE F 40 -13.86 -8.57 -4.91
CA ILE F 40 -13.50 -7.35 -4.22
C ILE F 40 -14.30 -7.24 -2.92
N LYS F 41 -13.60 -7.19 -1.78
CA LYS F 41 -14.27 -7.11 -0.48
C LYS F 41 -13.95 -5.79 0.22
N ILE F 42 -14.98 -5.06 0.63
CA ILE F 42 -14.81 -3.78 1.30
C ILE F 42 -15.05 -3.95 2.80
N TYR F 43 -14.17 -3.38 3.60
CA TYR F 43 -14.31 -3.49 5.06
C TYR F 43 -14.23 -2.13 5.74
N GLU F 44 -14.64 -2.08 7.00
CA GLU F 44 -14.37 -0.94 7.84
C GLU F 44 -13.66 -1.35 9.11
N TYR F 45 -12.69 -0.57 9.54
CA TYR F 45 -12.18 -0.72 10.90
C TYR F 45 -12.75 0.42 11.69
N ASN F 46 -13.49 0.10 12.73
CA ASN F 46 -14.01 1.11 13.62
C ASN F 46 -13.13 1.18 14.84
N GLU F 47 -12.18 2.11 14.84
CA GLU F 47 -11.22 2.24 15.92
C GLU F 47 -11.88 2.34 17.29
N SER F 48 -13.00 3.03 17.33
CA SER F 48 -13.66 3.33 18.57
C SER F 48 -14.14 2.04 19.26
N ARG F 49 -14.78 1.19 18.45
CA ARG F 49 -15.27 -0.10 18.93
C ARG F 49 -14.19 -1.19 18.77
N ASN F 50 -13.03 -0.80 18.24
CA ASN F 50 -11.96 -1.75 17.94
C ASN F 50 -12.50 -2.98 17.21
N GLU F 51 -13.19 -2.76 16.10
CA GLU F 51 -13.77 -3.89 15.43
C GLU F 51 -13.76 -3.76 13.90
N VAL F 52 -13.43 -4.86 13.23
CA VAL F 52 -13.40 -4.91 11.79
C VAL F 52 -14.66 -5.59 11.30
N LYS F 53 -15.27 -5.07 10.25
CA LYS F 53 -16.50 -5.65 9.73
C LYS F 53 -16.46 -5.73 8.22
N LEU F 54 -16.99 -6.80 7.66
CA LEU F 54 -17.09 -6.88 6.22
C LEU F 54 -18.28 -6.04 5.89
N LYS F 55 -18.17 -5.22 4.85
CA LYS F 55 -19.26 -4.33 4.50
C LYS F 55 -19.93 -4.61 3.14
N LYS F 56 -19.17 -5.13 2.18
CA LYS F 56 -19.75 -5.38 0.86
C LYS F 56 -18.80 -6.31 0.14
N GLU F 57 -19.33 -7.07 -0.81
CA GLU F 57 -18.49 -7.91 -1.65
C GLU F 57 -18.99 -7.98 -3.08
N TYR F 58 -18.06 -7.96 -4.03
CA TYR F 58 -18.39 -8.05 -5.45
C TYR F 58 -17.49 -9.03 -6.18
N ALA F 59 -17.80 -9.30 -7.44
CA ALA F 59 -16.92 -10.06 -8.32
C ALA F 59 -16.83 -9.46 -9.72
N ASP F 60 -17.98 -9.08 -10.26
CA ASP F 60 -18.11 -8.79 -11.70
C ASP F 60 -18.85 -7.51 -12.02
N ASP F 61 -18.07 -6.49 -12.39
CA ASP F 61 -18.60 -5.17 -12.72
C ASP F 61 -18.27 -4.79 -14.18
C ACY G . 3.21 8.59 -23.21
O ACY G . 2.59 9.64 -23.34
OXT ACY G . 2.68 7.43 -23.74
CH3 ACY G . 4.49 8.57 -22.46
C ACY H . -8.86 7.05 -0.56
O ACY H . -9.44 8.12 -0.81
OXT ACY H . -9.10 5.93 -1.35
CH3 ACY H . -7.97 6.94 0.66
#